data_5EDN
#
_entry.id   5EDN
#
_cell.length_a   52.618
_cell.length_b   52.522
_cell.length_c   389.331
_cell.angle_alpha   90.00
_cell.angle_beta   90.00
_cell.angle_gamma   90.00
#
_symmetry.space_group_name_H-M   'P 2 2 21'
#
loop_
_entity.id
_entity.type
_entity.pdbx_description
1 polymer 'Homeobox protein Hox-B13'
2 polymer "DNA (5'-D(P*GP*TP*TP*GP*TP*GP*TP*TP*TP*TP*AP*CP*GP*AP*GP*GP*TP*CP*C)-3')"
3 polymer "DNA (5'-D(P*GP*GP*AP*CP*CP*TP*CP*GP*TP*AP*AP*AP*AP*CP*AP*CP*AP*AP*C)-3')"
4 non-polymer 2-AMINO-2-HYDROXYMETHYL-PROPANE-1,3-DIOL
5 water water
#
loop_
_entity_poly.entity_id
_entity_poly.type
_entity_poly.pdbx_seq_one_letter_code
_entity_poly.pdbx_strand_id
1 'polypeptide(L)' DACAFRRGRKKRIPYSKGQLRELEREYAANKFITKDKRRKISAATSLSERQITIWFQNRRVKEKKVLAKVKNSATP A,B,G,J
2 'polydeoxyribonucleotide' (DG)(DT)(DT)(DG)(DT)(DG)(DT)(DT)(DT)(DT)(DA)(DC)(DG)(DA)(DG)(DG)(DT)(DC)(DC) C,D,H,K
3 'polydeoxyribonucleotide' (DG)(DG)(DA)(DC)(DC)(DT)(DC)(DG)(DT)(DA)(DA)(DA)(DA)(DC)(DA)(DC)(DA)(DA)(DC) E,F,I,L
#
# COMPACT_ATOMS: atom_id res chain seq x y z
N ARG A 9 -23.39 21.44 26.63
CA ARG A 9 -23.56 20.95 25.25
C ARG A 9 -22.54 21.64 24.31
N LYS A 10 -21.49 20.92 23.81
CA LYS A 10 -21.32 19.48 23.97
C LYS A 10 -19.95 19.23 24.56
N LYS A 11 -18.86 19.17 23.80
CA LYS A 11 -18.64 18.95 22.33
C LYS A 11 -17.72 17.72 22.09
N ARG A 12 -17.90 16.99 21.00
CA ARG A 12 -17.47 15.60 20.96
C ARG A 12 -15.95 15.37 20.95
N ILE A 13 -15.40 14.89 22.06
CA ILE A 13 -13.95 14.76 22.25
C ILE A 13 -13.61 13.29 22.40
N PRO A 14 -13.01 12.63 21.38
CA PRO A 14 -12.66 11.21 21.51
C PRO A 14 -11.73 10.87 22.63
N TYR A 15 -11.88 9.70 23.24
CA TYR A 15 -11.01 9.28 24.33
C TYR A 15 -9.70 8.71 23.83
N SER A 16 -8.61 8.95 24.54
CA SER A 16 -7.30 8.49 24.11
C SER A 16 -7.13 7.01 24.35
N LYS A 17 -6.10 6.45 23.73
CA LYS A 17 -5.81 5.04 23.87
C LYS A 17 -5.58 4.62 25.30
N GLY A 18 -4.90 5.46 26.07
CA GLY A 18 -4.58 5.14 27.47
C GLY A 18 -5.80 5.08 28.36
N GLN A 19 -6.73 6.01 28.17
CA GLN A 19 -7.96 6.08 28.93
C GLN A 19 -8.85 4.87 28.68
N LEU A 20 -8.96 4.50 27.41
CA LEU A 20 -9.82 3.39 27.00
C LEU A 20 -9.27 2.08 27.55
N ARG A 21 -7.97 1.88 27.40
CA ARG A 21 -7.29 0.76 28.06
C ARG A 21 -7.77 0.58 29.49
N GLU A 22 -7.58 1.62 30.32
CA GLU A 22 -8.04 1.55 31.70
C GLU A 22 -9.55 1.24 31.78
N LEU A 23 -10.36 1.88 30.92
CA LEU A 23 -11.79 1.65 30.98
C LEU A 23 -12.15 0.24 30.52
N GLU A 24 -11.51 -0.24 29.46
CA GLU A 24 -11.79 -1.57 28.98
C GLU A 24 -11.32 -2.60 30.00
N ARG A 25 -10.18 -2.35 30.63
CA ARG A 25 -9.66 -3.29 31.61
C ARG A 25 -10.62 -3.52 32.77
N GLU A 26 -11.18 -2.48 33.32
CA GLU A 26 -12.05 -2.62 34.48
C GLU A 26 -13.38 -3.24 34.03
N TYR A 27 -13.83 -2.87 32.84
CA TYR A 27 -15.08 -3.42 32.30
C TYR A 27 -14.98 -4.92 32.10
N ALA A 28 -13.87 -5.37 31.53
CA ALA A 28 -13.61 -6.79 31.34
C ALA A 28 -13.63 -7.53 32.68
N ALA A 29 -13.28 -6.82 33.76
CA ALA A 29 -13.31 -7.39 35.10
C ALA A 29 -14.70 -7.33 35.72
N ASN A 30 -15.35 -6.17 35.61
CA ASN A 30 -16.76 -6.04 36.01
C ASN A 30 -17.50 -5.06 35.13
N LYS A 31 -18.54 -5.58 34.46
CA LYS A 31 -19.35 -4.78 33.53
C LYS A 31 -19.82 -3.54 34.22
N PHE A 32 -20.17 -3.64 35.53
CA PHE A 32 -20.83 -2.54 36.20
C PHE A 32 -19.85 -1.80 37.10
N ILE A 33 -19.91 -0.47 36.99
CA ILE A 33 -19.07 0.40 37.80
C ILE A 33 -19.69 0.54 39.20
N THR A 34 -18.86 0.44 40.23
CA THR A 34 -19.25 0.92 41.58
C THR A 34 -18.96 2.41 41.73
N LYS A 35 -19.45 3.01 42.79
CA LYS A 35 -19.07 4.41 43.13
C LYS A 35 -17.58 4.55 43.47
N ASP A 36 -17.02 3.53 44.11
CA ASP A 36 -15.64 3.58 44.55
C ASP A 36 -14.68 3.40 43.39
N LYS A 37 -15.00 2.46 42.51
CA LYS A 37 -14.16 2.21 41.34
C LYS A 37 -14.33 3.32 40.34
N ARG A 38 -15.46 4.01 40.39
CA ARG A 38 -15.70 5.14 39.51
C ARG A 38 -14.73 6.29 39.86
N ARG A 39 -14.55 6.55 41.15
CA ARG A 39 -13.69 7.64 41.57
C ARG A 39 -12.22 7.22 41.54
N LYS A 40 -11.98 5.91 41.49
CA LYS A 40 -10.62 5.42 41.24
C LYS A 40 -10.22 5.62 39.79
N ILE A 41 -11.08 5.20 38.89
CA ILE A 41 -10.82 5.32 37.45
C ILE A 41 -10.75 6.78 37.03
N SER A 42 -11.54 7.63 37.69
CA SER A 42 -11.47 9.05 37.36
C SER A 42 -10.05 9.60 37.66
N ALA A 43 -9.51 9.26 38.83
CA ALA A 43 -8.19 9.72 39.22
C ALA A 43 -7.10 9.20 38.29
N ALA A 44 -7.25 7.95 37.88
CA ALA A 44 -6.26 7.28 37.06
C ALA A 44 -6.33 7.73 35.60
N THR A 45 -7.53 8.09 35.13
CA THR A 45 -7.72 8.45 33.73
C THR A 45 -7.85 9.94 33.49
N SER A 46 -8.11 10.70 34.55
CA SER A 46 -8.32 12.14 34.43
C SER A 46 -9.62 12.45 33.66
N LEU A 47 -10.48 11.42 33.51
CA LEU A 47 -11.83 11.63 32.96
C LEU A 47 -12.81 11.93 34.09
N SER A 48 -13.87 12.67 33.76
CA SER A 48 -14.92 13.03 34.74
C SER A 48 -15.76 11.80 35.11
N GLU A 49 -16.35 11.83 36.30
CA GLU A 49 -17.16 10.69 36.76
C GLU A 49 -18.33 10.52 35.76
N ARG A 50 -18.93 11.65 35.39
CA ARG A 50 -20.02 11.66 34.41
C ARG A 50 -19.62 10.97 33.12
N GLN A 51 -18.44 11.33 32.59
CA GLN A 51 -17.96 10.74 31.33
C GLN A 51 -17.88 9.22 31.47
N ILE A 52 -17.33 8.80 32.61
CA ILE A 52 -17.14 7.39 32.88
C ILE A 52 -18.46 6.63 32.96
N THR A 53 -19.44 7.22 33.64
CA THR A 53 -20.76 6.61 33.80
C THR A 53 -21.39 6.44 32.43
N ILE A 54 -21.15 7.43 31.57
CA ILE A 54 -21.74 7.47 30.24
C ILE A 54 -21.09 6.45 29.32
N TRP A 55 -19.76 6.32 29.44
CA TRP A 55 -19.04 5.36 28.63
C TRP A 55 -19.51 3.98 28.99
N PHE A 56 -19.73 3.74 30.28
CA PHE A 56 -20.22 2.42 30.71
C PHE A 56 -21.61 2.14 30.18
N GLN A 57 -22.49 3.12 30.28
CA GLN A 57 -23.84 2.97 29.71
C GLN A 57 -23.73 2.58 28.25
N ASN A 58 -22.90 3.37 27.54
CA ASN A 58 -22.76 3.13 26.10
C ASN A 58 -22.01 1.85 25.83
N ARG A 59 -21.18 1.35 26.74
CA ARG A 59 -20.41 0.14 26.45
C ARG A 59 -21.26 -1.08 26.54
N ARG A 60 -22.25 -1.06 27.43
CA ARG A 60 -23.23 -2.14 27.59
C ARG A 60 -24.12 -2.25 26.36
N VAL A 61 -24.49 -1.09 25.78
CA VAL A 61 -25.27 -1.10 24.55
C VAL A 61 -24.50 -1.86 23.47
N LYS A 62 -23.21 -1.56 23.36
CA LYS A 62 -22.36 -2.13 22.34
C LYS A 62 -22.24 -3.64 22.49
N GLU A 63 -22.04 -4.08 23.73
CA GLU A 63 -21.90 -5.52 23.98
C GLU A 63 -23.21 -6.21 23.67
N LYS A 64 -24.31 -5.48 23.87
CA LYS A 64 -25.63 -5.98 23.52
C LYS A 64 -25.81 -6.06 22.01
N LYS A 65 -25.44 -4.97 21.32
CA LYS A 65 -25.60 -4.87 19.86
C LYS A 65 -24.80 -5.90 19.10
N VAL A 66 -23.61 -6.20 19.61
CA VAL A 66 -22.59 -6.91 18.89
C VAL A 66 -22.89 -8.41 18.88
N LEU A 67 -23.74 -8.82 19.81
CA LEU A 67 -24.35 -10.16 19.74
C LEU A 67 -25.16 -10.42 18.49
N ALA A 68 -24.62 -11.23 17.59
CA ALA A 68 -25.06 -11.25 16.20
C ALA A 68 -24.43 -12.41 15.44
N ARG B 9 8.61 -30.24 -20.50
CA ARG B 9 7.47 -30.02 -21.45
C ARG B 9 6.64 -28.83 -20.99
N LYS B 10 6.48 -27.83 -21.79
CA LYS B 10 7.29 -27.40 -22.94
C LYS B 10 8.35 -26.27 -22.73
N LYS B 11 8.10 -25.09 -22.11
CA LYS B 11 6.94 -24.86 -21.24
C LYS B 11 6.30 -23.49 -21.49
N ARG B 12 5.39 -23.10 -20.60
CA ARG B 12 4.50 -21.99 -20.86
C ARG B 12 5.12 -20.62 -20.92
N ILE B 13 5.80 -20.27 -22.02
CA ILE B 13 6.51 -18.97 -22.15
C ILE B 13 5.58 -17.68 -22.44
N PRO B 14 5.00 -17.05 -21.39
CA PRO B 14 3.81 -16.28 -21.68
C PRO B 14 4.09 -14.99 -22.48
N TYR B 15 3.08 -14.56 -23.23
CA TYR B 15 3.29 -13.60 -24.31
C TYR B 15 3.24 -12.17 -23.79
N SER B 16 4.04 -11.30 -24.40
CA SER B 16 4.21 -9.95 -23.89
C SER B 16 3.05 -9.08 -24.22
N LYS B 17 3.01 -7.92 -23.56
CA LYS B 17 1.89 -6.99 -23.71
C LYS B 17 1.73 -6.51 -25.15
N GLY B 18 2.84 -6.28 -25.85
CA GLY B 18 2.79 -5.81 -27.23
C GLY B 18 2.19 -6.81 -28.20
N GLN B 19 2.58 -8.07 -28.04
CA GLN B 19 2.09 -9.15 -28.88
C GLN B 19 0.61 -9.39 -28.71
N LEU B 20 0.17 -9.37 -27.46
CA LEU B 20 -1.23 -9.62 -27.12
C LEU B 20 -2.11 -8.51 -27.66
N ARG B 21 -1.69 -7.26 -27.46
CA ARG B 21 -2.34 -6.13 -28.10
C ARG B 21 -2.64 -6.42 -29.58
N GLU B 22 -1.60 -6.71 -30.36
CA GLU B 22 -1.83 -7.05 -31.77
C GLU B 22 -2.77 -8.25 -31.91
N LEU B 23 -2.63 -9.27 -31.08
CA LEU B 23 -3.51 -10.44 -31.19
C LEU B 23 -4.94 -10.10 -30.80
N GLU B 24 -5.11 -9.34 -29.73
CA GLU B 24 -6.44 -8.97 -29.28
C GLU B 24 -7.07 -8.05 -30.32
N ARG B 25 -6.29 -7.15 -30.90
CA ARG B 25 -6.83 -6.23 -31.90
C ARG B 25 -7.46 -6.96 -33.09
N GLU B 26 -6.76 -7.93 -33.63
CA GLU B 26 -7.26 -8.61 -34.83
C GLU B 26 -8.44 -9.50 -34.43
N TYR B 27 -8.36 -10.09 -33.24
CA TYR B 27 -9.44 -10.95 -32.75
C TYR B 27 -10.73 -10.18 -32.60
N ALA B 28 -10.63 -9.00 -32.00
CA ALA B 28 -11.79 -8.11 -31.83
C ALA B 28 -12.40 -7.77 -33.19
N ALA B 29 -11.58 -7.78 -34.24
CA ALA B 29 -12.06 -7.51 -35.59
C ALA B 29 -12.62 -8.77 -36.24
N ASN B 30 -11.90 -9.88 -36.13
CA ASN B 30 -12.41 -11.17 -36.58
C ASN B 30 -11.91 -12.30 -35.69
N LYS B 31 -12.87 -13.00 -35.06
CA LYS B 31 -12.57 -14.10 -34.17
C LYS B 31 -11.68 -15.14 -34.90
N PHE B 32 -11.90 -15.32 -36.18
CA PHE B 32 -11.21 -16.37 -36.90
C PHE B 32 -10.05 -15.84 -37.68
N ILE B 33 -8.90 -16.50 -37.54
CA ILE B 33 -7.68 -16.14 -38.28
C ILE B 33 -7.76 -16.65 -39.71
N THR B 34 -7.43 -15.80 -40.66
CA THR B 34 -7.16 -16.29 -42.05
C THR B 34 -5.68 -16.68 -42.17
N LYS B 35 -5.37 -17.46 -43.21
CA LYS B 35 -3.97 -17.83 -43.47
C LYS B 35 -3.08 -16.63 -43.79
N ASP B 36 -3.62 -15.62 -44.45
CA ASP B 36 -2.83 -14.47 -44.87
C ASP B 36 -2.51 -13.57 -43.69
N LYS B 37 -3.50 -13.33 -42.84
CA LYS B 37 -3.31 -12.48 -41.68
C LYS B 37 -2.50 -13.23 -40.64
N ARG B 38 -2.52 -14.56 -40.69
CA ARG B 38 -1.71 -15.36 -39.79
C ARG B 38 -0.22 -15.15 -40.07
N ARG B 39 0.13 -15.14 -41.35
CA ARG B 39 1.54 -15.01 -41.72
C ARG B 39 1.97 -13.54 -41.69
N LYS B 40 0.99 -12.64 -41.68
CA LYS B 40 1.30 -11.23 -41.42
C LYS B 40 1.64 -10.99 -39.96
N ILE B 41 0.79 -11.49 -39.08
CA ILE B 41 0.98 -11.33 -37.64
C ILE B 41 2.24 -12.04 -37.17
N SER B 42 2.55 -13.17 -37.82
CA SER B 42 3.77 -13.87 -37.42
C SER B 42 5.00 -12.98 -37.69
N ALA B 43 5.04 -12.35 -38.87
CA ALA B 43 6.17 -11.50 -39.24
C ALA B 43 6.29 -10.29 -38.31
N ALA B 44 5.14 -9.73 -37.95
CA ALA B 44 5.09 -8.52 -37.15
C ALA B 44 5.37 -8.80 -35.68
N THR B 45 5.02 -10.00 -35.21
CA THR B 45 5.18 -10.32 -33.79
C THR B 45 6.35 -11.24 -33.50
N SER B 46 6.87 -11.90 -34.53
CA SER B 46 7.95 -12.87 -34.36
C SER B 46 7.45 -14.10 -33.57
N LEU B 47 6.12 -14.25 -33.47
CA LEU B 47 5.51 -15.48 -32.95
C LEU B 47 5.27 -16.49 -34.03
N SER B 48 5.31 -17.78 -33.67
CA SER B 48 5.12 -18.86 -34.66
C SER B 48 3.66 -18.94 -35.11
N GLU B 49 3.43 -19.45 -36.31
CA GLU B 49 2.08 -19.49 -36.87
C GLU B 49 1.24 -20.39 -35.94
N ARG B 50 1.85 -21.52 -35.56
CA ARG B 50 1.22 -22.47 -34.65
C ARG B 50 0.80 -21.81 -33.36
N GLN B 51 1.70 -21.04 -32.76
CA GLN B 51 1.41 -20.36 -31.49
C GLN B 51 0.19 -19.47 -31.65
N ILE B 52 0.18 -18.73 -32.76
CA ILE B 52 -0.89 -17.80 -33.04
C ILE B 52 -2.24 -18.49 -33.20
N THR B 53 -2.24 -19.60 -33.94
CA THR B 53 -3.46 -20.36 -34.16
C THR B 53 -4.00 -20.87 -32.84
N ILE B 54 -3.08 -21.24 -31.95
CA ILE B 54 -3.42 -21.81 -30.67
C ILE B 54 -3.95 -20.76 -29.72
N TRP B 55 -3.36 -19.57 -29.77
CA TRP B 55 -3.81 -18.48 -28.92
C TRP B 55 -5.22 -18.11 -29.32
N PHE B 56 -5.49 -18.12 -30.63
CA PHE B 56 -6.84 -17.81 -31.10
C PHE B 56 -7.84 -18.86 -30.66
N GLN B 57 -7.44 -20.09 -30.75
CA GLN B 57 -8.31 -21.12 -30.33
C GLN B 57 -8.63 -20.76 -28.91
N ASN B 58 -7.62 -20.72 -28.10
CA ASN B 58 -7.76 -20.51 -26.65
C ASN B 58 -8.52 -19.23 -26.36
N ARG B 59 -8.45 -18.22 -27.21
CA ARG B 59 -9.06 -16.94 -26.91
C ARG B 59 -10.56 -17.02 -27.06
N ARG B 60 -11.02 -17.84 -28.01
CA ARG B 60 -12.45 -18.08 -28.22
C ARG B 60 -13.06 -18.84 -27.04
N VAL B 61 -12.29 -19.77 -26.48
CA VAL B 61 -12.75 -20.49 -25.29
C VAL B 61 -13.03 -19.48 -24.17
N LYS B 62 -12.11 -18.55 -24.00
CA LYS B 62 -12.20 -17.57 -22.93
C LYS B 62 -13.41 -16.67 -23.10
N GLU B 63 -13.64 -16.22 -24.33
CA GLU B 63 -14.78 -15.34 -24.60
C GLU B 63 -16.07 -16.12 -24.36
N LYS B 64 -16.01 -17.43 -24.62
CA LYS B 64 -17.14 -18.31 -24.35
C LYS B 64 -17.36 -18.48 -22.84
N LYS B 65 -16.26 -18.74 -22.11
CA LYS B 65 -16.31 -18.98 -20.67
C LYS B 65 -16.82 -17.78 -19.89
N VAL B 66 -16.44 -16.60 -20.35
CA VAL B 66 -16.56 -15.37 -19.59
C VAL B 66 -17.96 -14.84 -19.66
N LEU B 67 -18.74 -15.36 -20.60
CA LEU B 67 -20.20 -15.17 -20.54
C LEU B 67 -20.91 -15.74 -19.28
N ALA B 68 -21.26 -14.79 -18.40
CA ALA B 68 -21.77 -15.07 -17.09
C ALA B 68 -23.08 -15.83 -16.90
N LYS B 69 -22.94 -17.10 -16.54
CA LYS B 69 -24.04 -17.98 -16.13
C LYS B 69 -24.30 -17.86 -14.61
N LYS G 10 2.87 12.65 32.09
CA LYS G 10 1.94 13.20 33.15
C LYS G 10 0.67 13.97 32.61
N LYS G 11 -0.26 13.39 31.82
CA LYS G 11 -0.13 12.22 30.88
C LYS G 11 -0.54 12.60 29.47
N ARG G 12 -0.05 11.88 28.47
CA ARG G 12 -0.28 12.23 27.07
C ARG G 12 -1.74 12.02 26.64
N ILE G 13 -2.38 13.13 26.22
CA ILE G 13 -3.74 13.11 25.69
C ILE G 13 -3.78 13.61 24.26
N PRO G 14 -3.87 12.76 23.20
CA PRO G 14 -3.93 13.27 21.84
C PRO G 14 -5.10 14.19 21.57
N TYR G 15 -4.92 15.20 20.72
CA TYR G 15 -6.00 16.16 20.50
C TYR G 15 -6.97 15.69 19.43
N SER G 16 -8.23 16.06 19.58
CA SER G 16 -9.27 15.66 18.64
C SER G 16 -9.16 16.42 17.34
N LYS G 17 -9.86 15.93 16.33
CA LYS G 17 -9.86 16.58 15.02
C LYS G 17 -10.39 18.02 15.09
N GLY G 18 -11.41 18.24 15.92
CA GLY G 18 -12.00 19.56 16.05
C GLY G 18 -11.06 20.60 16.64
N GLN G 19 -10.33 20.19 17.68
CA GLN G 19 -9.39 21.05 18.37
C GLN G 19 -8.23 21.46 17.47
N LEU G 20 -7.73 20.49 16.73
CA LEU G 20 -6.59 20.71 15.84
C LEU G 20 -6.96 21.65 14.71
N ARG G 21 -8.11 21.39 14.10
CA ARG G 21 -8.69 22.33 13.14
C ARG G 21 -8.56 23.77 13.62
N GLU G 22 -9.18 24.06 14.77
CA GLU G 22 -9.09 25.41 15.31
C GLU G 22 -7.62 25.84 15.52
N LEU G 23 -6.78 24.94 16.03
CA LEU G 23 -5.38 25.31 16.27
C LEU G 23 -4.63 25.52 14.96
N GLU G 24 -4.86 24.66 13.98
CA GLU G 24 -4.19 24.80 12.70
C GLU G 24 -4.67 26.05 12.01
N ARG G 25 -5.97 26.34 12.11
CA ARG G 25 -6.50 27.53 11.45
C ARG G 25 -5.85 28.82 11.92
N GLU G 26 -5.69 28.98 13.23
CA GLU G 26 -5.13 30.23 13.73
C GLU G 26 -3.64 30.28 13.42
N TYR G 27 -2.98 29.12 13.49
CA TYR G 27 -1.55 29.04 13.19
C TYR G 27 -1.27 29.46 11.76
N ALA G 28 -2.07 28.94 10.83
CA ALA G 28 -1.95 29.29 9.42
C ALA G 28 -2.12 30.79 9.22
N ALA G 29 -2.88 31.43 10.11
CA ALA G 29 -3.08 32.88 10.06
C ALA G 29 -1.95 33.64 10.75
N ASN G 30 -1.56 33.19 11.93
CA ASN G 30 -0.39 33.73 12.63
C ASN G 30 0.34 32.64 13.41
N LYS G 31 1.61 32.45 13.04
CA LYS G 31 2.44 31.44 13.69
C LYS G 31 2.33 31.70 15.20
N PHE G 32 2.43 32.96 15.62
CA PHE G 32 2.54 33.18 17.06
C PHE G 32 1.24 33.70 17.65
N ILE G 33 0.98 33.15 18.81
CA ILE G 33 -0.26 33.43 19.57
C ILE G 33 -0.14 34.78 20.27
N THR G 34 -1.19 35.59 20.18
CA THR G 34 -1.34 36.76 21.09
C THR G 34 -2.06 36.30 22.37
N LYS G 35 -1.99 37.13 23.41
CA LYS G 35 -2.66 36.82 24.68
C LYS G 35 -4.18 36.75 24.55
N ASP G 36 -4.75 37.60 23.70
CA ASP G 36 -6.20 37.67 23.57
C ASP G 36 -6.75 36.49 22.80
N LYS G 37 -6.05 36.12 21.72
CA LYS G 37 -6.48 34.99 20.89
C LYS G 37 -6.18 33.71 21.62
N ARG G 38 -5.23 33.73 22.54
CA ARG G 38 -4.91 32.57 23.35
C ARG G 38 -6.09 32.23 24.26
N ARG G 39 -6.68 33.25 24.88
CA ARG G 39 -7.76 33.00 25.83
C ARG G 39 -9.09 32.82 25.07
N LYS G 40 -9.11 33.22 23.80
CA LYS G 40 -10.25 32.90 22.96
C LYS G 40 -10.23 31.41 22.56
N ILE G 41 -9.09 30.97 22.06
CA ILE G 41 -8.92 29.59 21.63
C ILE G 41 -8.54 28.90 22.94
N SER G 42 -9.54 28.49 23.67
CA SER G 42 -9.39 28.11 25.09
C SER G 42 -10.88 28.01 25.49
N ALA G 43 -11.63 29.13 25.46
CA ALA G 43 -13.06 29.10 25.61
C ALA G 43 -13.72 28.23 24.50
N ALA G 44 -13.25 28.40 23.31
CA ALA G 44 -13.83 27.74 22.15
C ALA G 44 -12.85 26.62 21.94
N THR G 45 -12.75 25.74 22.88
CA THR G 45 -12.09 24.40 22.74
C THR G 45 -12.03 23.67 24.08
N SER G 46 -12.15 24.42 25.19
CA SER G 46 -12.09 23.85 26.53
C SER G 46 -10.69 23.29 26.81
N LEU G 47 -9.69 23.69 26.00
CA LEU G 47 -8.28 23.40 26.32
C LEU G 47 -7.67 24.50 27.16
N SER G 48 -6.70 24.14 27.99
CA SER G 48 -6.06 25.09 28.92
C SER G 48 -5.16 26.07 28.14
N GLU G 49 -4.95 27.26 28.71
CA GLU G 49 -4.10 28.25 28.06
C GLU G 49 -2.70 27.64 27.92
N ARG G 50 -2.26 26.99 28.99
CA ARG G 50 -0.97 26.29 29.02
C ARG G 50 -0.84 25.29 27.86
N GLN G 51 -1.86 24.47 27.67
CA GLN G 51 -1.84 23.46 26.61
C GLN G 51 -1.66 24.14 25.26
N ILE G 52 -2.40 25.24 25.08
CA ILE G 52 -2.37 25.97 23.82
C ILE G 52 -1.00 26.58 23.55
N THR G 53 -0.40 27.15 24.58
CA THR G 53 0.92 27.77 24.44
C THR G 53 1.93 26.71 24.07
N ILE G 54 1.74 25.51 24.61
CA ILE G 54 2.66 24.40 24.40
C ILE G 54 2.51 23.84 23.00
N TRP G 55 1.27 23.76 22.52
CA TRP G 55 1.01 23.26 21.18
C TRP G 55 1.66 24.21 20.19
N PHE G 56 1.57 25.51 20.47
CA PHE G 56 2.18 26.47 19.57
C PHE G 56 3.69 26.37 19.57
N GLN G 57 4.25 26.18 20.75
CA GLN G 57 5.65 26.03 20.82
C GLN G 57 5.93 24.89 19.91
N ASN G 58 5.37 23.71 20.21
CA ASN G 58 5.62 22.47 19.47
C ASN G 58 5.42 22.69 17.99
N ARG G 59 4.46 23.50 17.61
CA ARG G 59 4.09 23.59 16.21
C ARG G 59 5.17 24.31 15.41
N ARG G 60 5.83 25.26 16.05
CA ARG G 60 6.95 25.99 15.45
C ARG G 60 8.17 25.07 15.28
N VAL G 61 8.38 24.17 16.23
CA VAL G 61 9.45 23.18 16.09
C VAL G 61 9.23 22.38 14.80
N LYS G 62 7.99 21.95 14.60
CA LYS G 62 7.64 21.12 13.46
C LYS G 62 7.86 21.84 12.14
N GLU G 63 7.44 23.10 12.09
CA GLU G 63 7.59 23.90 10.88
C GLU G 63 9.08 24.10 10.61
N LYS G 64 9.85 24.18 11.69
CA LYS G 64 11.31 24.29 11.60
C LYS G 64 11.93 23.02 11.13
N LYS G 65 11.50 21.84 11.65
CA LYS G 65 12.01 20.55 11.16
C LYS G 65 11.71 20.33 9.67
N VAL G 66 10.55 20.81 9.25
CA VAL G 66 9.96 20.43 7.98
C VAL G 66 10.63 21.19 6.83
N LEU G 67 11.30 22.27 7.18
CA LEU G 67 12.27 22.89 6.25
C LEU G 67 13.18 21.90 5.61
N ALA G 68 13.52 20.83 6.31
CA ALA G 68 14.36 19.75 5.71
C ALA G 68 13.43 18.80 4.81
N LYS G 69 13.29 19.01 3.49
CA LYS G 69 14.24 19.61 2.50
C LYS G 69 15.69 19.92 2.94
N ARG J 9 15.81 -4.85 -34.75
CA ARG J 9 16.21 -3.51 -34.20
C ARG J 9 14.98 -2.84 -33.56
N LYS J 10 14.47 -3.33 -32.40
CA LYS J 10 15.02 -4.43 -31.60
C LYS J 10 14.15 -5.74 -31.78
N LYS J 11 12.92 -5.93 -31.25
CA LYS J 11 12.09 -5.02 -30.39
C LYS J 11 11.78 -5.73 -29.01
N ARG J 12 11.69 -4.96 -27.92
CA ARG J 12 12.03 -5.50 -26.62
C ARG J 12 10.97 -6.47 -26.04
N ILE J 13 11.38 -7.72 -25.85
CA ILE J 13 10.44 -8.79 -25.47
C ILE J 13 10.88 -9.43 -24.15
N PRO J 14 10.16 -9.19 -23.04
CA PRO J 14 10.73 -9.61 -21.73
C PRO J 14 10.84 -11.08 -21.59
N TYR J 15 11.79 -11.53 -20.79
CA TYR J 15 11.89 -12.96 -20.40
C TYR J 15 10.92 -13.26 -19.25
N SER J 16 10.36 -14.46 -19.24
CA SER J 16 9.42 -14.86 -18.23
C SER J 16 10.13 -15.18 -16.92
N LYS J 17 9.31 -15.26 -15.86
CA LYS J 17 9.76 -15.88 -14.61
C LYS J 17 9.93 -17.30 -15.14
N GLY J 18 10.95 -17.99 -14.65
CA GLY J 18 11.29 -19.32 -15.17
C GLY J 18 12.60 -19.10 -15.84
N GLN J 19 12.64 -18.31 -16.91
CA GLN J 19 13.93 -18.03 -17.60
C GLN J 19 14.84 -17.19 -16.72
N LEU J 20 14.25 -16.20 -16.02
CA LEU J 20 14.99 -15.33 -15.17
C LEU J 20 15.63 -16.10 -13.99
N ARG J 21 14.80 -16.92 -13.35
CA ARG J 21 15.28 -17.86 -12.34
C ARG J 21 16.57 -18.54 -12.80
N GLU J 22 16.51 -19.25 -13.92
CA GLU J 22 17.70 -19.90 -14.43
C GLU J 22 18.83 -18.90 -14.67
N LEU J 23 18.53 -17.73 -15.22
CA LEU J 23 19.59 -16.74 -15.47
C LEU J 23 20.15 -16.19 -14.17
N GLU J 24 19.29 -15.89 -13.21
CA GLU J 24 19.76 -15.37 -11.94
C GLU J 24 20.57 -16.44 -11.22
N ARG J 25 20.12 -17.68 -11.29
CA ARG J 25 20.83 -18.75 -10.60
C ARG J 25 22.29 -18.90 -11.07
N GLU J 26 22.52 -18.88 -12.37
CA GLU J 26 23.85 -19.09 -12.87
C GLU J 26 24.70 -17.84 -12.59
N TYR J 27 24.07 -16.67 -12.67
CA TYR J 27 24.76 -15.41 -12.39
C TYR J 27 25.27 -15.38 -10.96
N ALA J 28 24.40 -15.76 -10.04
CA ALA J 28 24.76 -15.84 -8.61
C ALA J 28 25.94 -16.77 -8.40
N ALA J 29 26.07 -17.76 -9.28
CA ALA J 29 27.19 -18.71 -9.20
C ALA J 29 28.43 -18.16 -9.89
N ASN J 30 28.27 -17.60 -11.10
CA ASN J 30 29.34 -16.93 -11.79
C ASN J 30 28.83 -15.72 -12.57
N LYS J 31 29.33 -14.54 -12.21
CA LYS J 31 28.93 -13.32 -12.88
C LYS J 31 29.31 -13.29 -14.35
N PHE J 32 30.21 -14.14 -14.77
CA PHE J 32 30.63 -14.18 -16.16
C PHE J 32 30.32 -15.56 -16.76
N ILE J 33 29.76 -15.52 -17.95
CA ILE J 33 29.41 -16.72 -18.69
C ILE J 33 30.66 -17.30 -19.35
N THR J 34 30.86 -18.61 -19.26
CA THR J 34 31.76 -19.33 -20.21
C THR J 34 30.98 -19.74 -21.45
N LYS J 35 31.71 -20.11 -22.50
CA LYS J 35 31.08 -20.51 -23.77
C LYS J 35 30.25 -21.78 -23.62
N ASP J 36 30.69 -22.71 -22.79
CA ASP J 36 30.04 -23.99 -22.63
C ASP J 36 28.73 -23.86 -21.85
N LYS J 37 28.79 -23.09 -20.78
CA LYS J 37 27.62 -22.88 -19.92
C LYS J 37 26.65 -21.96 -20.63
N ARG J 38 27.16 -21.14 -21.55
CA ARG J 38 26.30 -20.27 -22.33
C ARG J 38 25.40 -21.07 -23.25
N ARG J 39 25.97 -22.10 -23.89
CA ARG J 39 25.19 -22.90 -24.84
C ARG J 39 24.38 -23.95 -24.10
N LYS J 40 24.71 -24.20 -22.83
CA LYS J 40 23.87 -25.04 -21.99
C LYS J 40 22.60 -24.28 -21.57
N ILE J 41 22.80 -23.05 -21.07
CA ILE J 41 21.68 -22.26 -20.62
C ILE J 41 20.79 -21.84 -21.76
N SER J 42 21.37 -21.67 -22.95
CA SER J 42 20.52 -21.33 -24.11
C SER J 42 19.57 -22.50 -24.40
N ALA J 43 20.05 -23.74 -24.36
CA ALA J 43 19.19 -24.89 -24.65
C ALA J 43 18.10 -25.04 -23.59
N ALA J 44 18.46 -24.78 -22.33
CA ALA J 44 17.56 -24.95 -21.22
C ALA J 44 16.52 -23.81 -21.14
N THR J 45 16.92 -22.62 -21.55
CA THR J 45 16.03 -21.45 -21.45
C THR J 45 15.40 -21.02 -22.76
N SER J 46 15.93 -21.52 -23.87
CA SER J 46 15.34 -21.29 -25.18
C SER J 46 15.60 -19.84 -25.60
N LEU J 47 16.53 -19.13 -24.95
CA LEU J 47 16.97 -17.86 -25.57
C LEU J 47 18.25 -18.03 -26.34
N SER J 48 18.46 -17.11 -27.25
CA SER J 48 19.67 -17.06 -28.13
C SER J 48 20.93 -16.73 -27.33
N GLU J 49 22.07 -17.17 -27.83
CA GLU J 49 23.36 -17.03 -27.14
C GLU J 49 23.59 -15.52 -26.98
N ARG J 50 23.36 -14.79 -28.07
CA ARG J 50 23.52 -13.34 -28.07
C ARG J 50 22.68 -12.68 -26.96
N GLN J 51 21.41 -13.07 -26.90
CA GLN J 51 20.52 -12.50 -25.88
C GLN J 51 21.06 -12.75 -24.50
N ILE J 52 21.54 -13.97 -24.29
CA ILE J 52 22.07 -14.39 -22.99
C ILE J 52 23.30 -13.57 -22.59
N THR J 53 24.21 -13.37 -23.55
CA THR J 53 25.42 -12.62 -23.30
C THR J 53 25.04 -11.17 -22.90
N ILE J 54 23.99 -10.67 -23.56
CA ILE J 54 23.58 -9.32 -23.34
C ILE J 54 22.85 -9.14 -22.02
N TRP J 55 22.07 -10.14 -21.64
CA TRP J 55 21.37 -10.11 -20.36
C TRP J 55 22.38 -10.12 -19.26
N PHE J 56 23.44 -10.89 -19.43
CA PHE J 56 24.49 -10.93 -18.41
C PHE J 56 25.20 -9.60 -18.30
N GLN J 57 25.49 -9.01 -19.44
CA GLN J 57 26.13 -7.76 -19.40
C GLN J 57 25.22 -6.92 -18.57
N ASN J 58 23.95 -6.73 -19.02
CA ASN J 58 22.95 -5.91 -18.36
C ASN J 58 22.91 -6.18 -16.88
N ARG J 59 23.00 -7.46 -16.53
CA ARG J 59 22.70 -7.85 -15.15
C ARG J 59 23.78 -7.36 -14.23
N ARG J 60 25.02 -7.30 -14.71
CA ARG J 60 26.16 -6.77 -13.97
C ARG J 60 26.02 -5.27 -13.75
N VAL J 61 25.48 -4.57 -14.74
CA VAL J 61 25.23 -3.13 -14.57
C VAL J 61 24.26 -2.93 -13.39
N LYS J 62 23.22 -3.75 -13.35
CA LYS J 62 22.19 -3.63 -12.33
C LYS J 62 22.75 -3.90 -10.94
N GLU J 63 23.57 -4.93 -10.83
CA GLU J 63 24.15 -5.26 -9.53
C GLU J 63 25.08 -4.16 -9.10
N LYS J 64 25.70 -3.50 -10.08
CA LYS J 64 26.54 -2.34 -9.82
C LYS J 64 25.71 -1.14 -9.38
N LYS J 65 24.63 -0.86 -10.10
CA LYS J 65 23.75 0.27 -9.83
C LYS J 65 23.11 0.22 -8.46
N VAL J 66 22.75 -0.99 -8.07
CA VAL J 66 22.31 -1.39 -6.76
C VAL J 66 23.47 -1.31 -5.77
N LEU J 67 23.42 -0.40 -4.84
CA LEU J 67 24.40 -0.31 -3.79
C LEU J 67 24.09 1.01 -3.11
N ALA J 68 24.07 0.99 -1.78
CA ALA J 68 23.53 2.11 -0.99
C ALA J 68 24.42 2.49 0.26
N LYS J 69 24.91 3.73 0.36
CA LYS J 69 24.76 4.80 -0.66
C LYS J 69 25.77 4.60 -1.80
#